data_9MH6
#
_entry.id   9MH6
#
_cell.length_a   35.372
_cell.length_b   100.626
_cell.length_c   39.177
_cell.angle_alpha   90.000
_cell.angle_beta   106.624
_cell.angle_gamma   90.000
#
_symmetry.space_group_name_H-M   'P 1 21 1'
#
loop_
_entity.id
_entity.type
_entity.pdbx_description
1 polymer 'Aminoglycoside N-acetyltransferase AAC(3)-XI'
2 non-polymer 'gentamicin C1'
3 non-polymer 'acetylamino coenzyme A'
4 non-polymer 'ACETATE ION'
5 water water
#
_entity_poly.entity_id   1
_entity_poly.type   'polypeptide(L)'
_entity_poly.pdbx_seq_one_letter_code
;MTTTNEIRVAEVADAGVVAKLLRDFNTEFDTPVPEGLEERFAQIIAHDDAFVLLAGDIGFAYVTLRPSPYYDGPVAMLDE
LYVAPAHRNRGVGTALLQRVFEEIRKHSAGELQINVDEVDTDARRFYERHGLTNIEQGSRMLLYIREL
;
_entity_poly.pdbx_strand_id   A,B
#
loop_
_chem_comp.id
_chem_comp.type
_chem_comp.name
_chem_comp.formula
51G non-polymer 'gentamicin C1' 'C21 H43 N5 O7'
6IM non-polymer 'acetylamino coenzyme A' 'C23 H39 N8 O17 P3'
ACT non-polymer 'ACETATE ION' 'C2 H3 O2 -1'
#
# COMPACT_ATOMS: atom_id res chain seq x y z
N GLU A 6 22.23 5.27 17.38
CA GLU A 6 21.32 6.14 16.66
C GLU A 6 20.65 5.34 15.50
N ILE A 7 19.62 5.93 14.93
CA ILE A 7 18.94 5.36 13.77
C ILE A 7 19.61 5.87 12.51
N ARG A 8 19.79 4.96 11.56
CA ARG A 8 20.45 5.29 10.30
C ARG A 8 19.67 4.71 9.13
N VAL A 9 19.79 5.31 7.95
CA VAL A 9 19.24 4.77 6.71
C VAL A 9 20.17 3.67 6.25
N ALA A 10 19.63 2.49 6.03
CA ALA A 10 20.45 1.37 5.64
C ALA A 10 21.01 1.55 4.24
N GLU A 11 22.21 1.02 4.06
CA GLU A 11 22.91 0.95 2.81
C GLU A 11 22.78 -0.45 2.29
N VAL A 12 23.17 -0.65 1.03
CA VAL A 12 23.20 -1.99 0.46
C VAL A 12 24.04 -2.91 1.32
N ALA A 13 25.15 -2.43 1.89
CA ALA A 13 25.99 -3.30 2.74
C ALA A 13 25.24 -3.81 3.96
N ASP A 14 24.15 -3.18 4.36
CA ASP A 14 23.39 -3.62 5.53
C ASP A 14 22.31 -4.64 5.20
N ALA A 15 22.26 -5.16 3.97
CA ALA A 15 21.17 -6.06 3.59
C ALA A 15 21.13 -7.28 4.47
N GLY A 16 22.30 -7.81 4.84
CA GLY A 16 22.33 -9.00 5.69
C GLY A 16 21.67 -8.76 7.05
N VAL A 17 21.89 -7.59 7.65
CA VAL A 17 21.33 -7.34 8.97
C VAL A 17 19.83 -7.13 8.85
N VAL A 18 19.38 -6.44 7.81
CA VAL A 18 17.95 -6.27 7.60
C VAL A 18 17.28 -7.63 7.39
N ALA A 19 17.85 -8.47 6.53
CA ALA A 19 17.28 -9.79 6.26
C ALA A 19 17.20 -10.61 7.55
N LYS A 20 18.23 -10.57 8.38
N LYS A 20 18.23 -10.56 8.38
CA LYS A 20 18.20 -11.30 9.64
CA LYS A 20 18.21 -11.29 9.64
C LYS A 20 17.05 -10.83 10.52
C LYS A 20 17.06 -10.83 10.52
N LEU A 21 16.84 -9.51 10.60
CA LEU A 21 15.77 -8.99 11.45
C LEU A 21 14.42 -9.37 10.92
N LEU A 22 14.22 -9.32 9.63
CA LEU A 22 12.94 -9.73 9.08
C LEU A 22 12.73 -11.23 9.30
N ARG A 23 13.75 -12.06 9.08
CA ARG A 23 13.61 -13.47 9.42
C ARG A 23 13.23 -13.67 10.87
N ASP A 24 13.88 -12.98 11.79
CA ASP A 24 13.58 -13.13 13.20
C ASP A 24 12.13 -12.75 13.48
N PHE A 25 11.66 -11.67 12.87
CA PHE A 25 10.29 -11.23 13.03
C PHE A 25 9.33 -12.31 12.58
N ASN A 26 9.54 -12.84 11.38
N ASN A 26 9.51 -12.81 11.35
CA ASN A 26 8.58 -13.80 10.88
CA ASN A 26 8.65 -13.86 10.83
C ASN A 26 8.69 -15.11 11.66
C ASN A 26 8.67 -15.05 11.76
N THR A 27 9.87 -15.44 12.20
CA THR A 27 10.00 -16.62 13.04
C THR A 27 9.25 -16.44 14.34
N GLU A 28 9.31 -15.26 14.93
CA GLU A 28 8.60 -14.99 16.16
C GLU A 28 7.09 -15.17 15.99
N PHE A 29 6.53 -14.75 14.87
CA PHE A 29 5.11 -14.77 14.62
C PHE A 29 4.71 -15.96 13.76
N ASP A 30 5.65 -16.85 13.52
CA ASP A 30 5.35 -18.09 12.82
C ASP A 30 4.69 -17.81 11.46
N THR A 31 5.17 -16.77 10.76
CA THR A 31 4.75 -16.42 9.39
C THR A 31 5.87 -16.81 8.42
N PRO A 32 5.55 -17.07 7.17
CA PRO A 32 6.58 -17.67 6.32
C PRO A 32 7.71 -16.73 6.00
N VAL A 33 8.88 -17.32 5.78
CA VAL A 33 10.12 -16.64 5.42
C VAL A 33 10.45 -17.04 3.99
N PRO A 34 10.52 -16.10 3.06
CA PRO A 34 10.89 -16.46 1.68
C PRO A 34 12.38 -16.68 1.57
N GLU A 35 12.77 -17.46 0.57
CA GLU A 35 14.18 -17.58 0.21
C GLU A 35 14.67 -16.26 -0.36
N GLY A 36 15.96 -16.00 -0.20
CA GLY A 36 16.61 -14.90 -0.87
C GLY A 36 16.43 -13.55 -0.27
N LEU A 37 16.08 -13.45 1.03
CA LEU A 37 15.79 -12.15 1.60
C LEU A 37 16.97 -11.21 1.48
N GLU A 38 18.20 -11.68 1.76
CA GLU A 38 19.33 -10.77 1.75
C GLU A 38 19.51 -10.16 0.37
N GLU A 39 19.49 -11.02 -0.65
CA GLU A 39 19.72 -10.54 -2.00
C GLU A 39 18.63 -9.61 -2.45
N ARG A 40 17.38 -9.93 -2.09
CA ARG A 40 16.29 -9.05 -2.46
C ARG A 40 16.40 -7.72 -1.74
N PHE A 41 16.69 -7.72 -0.43
CA PHE A 41 16.89 -6.45 0.24
C PHE A 41 18.06 -5.66 -0.37
N ALA A 42 19.14 -6.33 -0.79
CA ALA A 42 20.23 -5.56 -1.42
C ALA A 42 19.72 -4.81 -2.65
N GLN A 43 18.91 -5.46 -3.48
CA GLN A 43 18.31 -4.83 -4.66
C GLN A 43 17.37 -3.70 -4.27
N ILE A 44 16.48 -3.95 -3.29
CA ILE A 44 15.48 -2.97 -2.87
C ILE A 44 16.13 -1.73 -2.28
N ILE A 45 17.15 -1.93 -1.43
CA ILE A 45 17.80 -0.80 -0.81
C ILE A 45 18.51 0.04 -1.85
N ALA A 46 18.98 -0.54 -2.96
CA ALA A 46 19.69 0.25 -3.93
C ALA A 46 18.77 1.15 -4.72
N HIS A 47 17.48 0.91 -4.69
CA HIS A 47 16.59 1.71 -5.53
C HIS A 47 15.93 2.86 -4.75
N ASP A 48 15.18 3.67 -5.51
CA ASP A 48 14.81 5.02 -5.13
C ASP A 48 13.45 5.08 -4.42
N ASP A 49 12.66 4.00 -4.49
CA ASP A 49 11.28 4.00 -4.04
C ASP A 49 11.08 3.20 -2.77
N ALA A 50 12.14 2.95 -2.03
CA ALA A 50 12.06 2.29 -0.75
C ALA A 50 13.29 2.60 0.07
N PHE A 51 13.14 2.45 1.38
CA PHE A 51 14.30 2.55 2.26
C PHE A 51 14.06 1.78 3.52
N VAL A 52 15.15 1.49 4.22
CA VAL A 52 15.08 0.80 5.50
C VAL A 52 15.81 1.69 6.50
N LEU A 53 15.25 1.87 7.68
CA LEU A 53 15.89 2.48 8.82
C LEU A 53 16.35 1.42 9.79
N LEU A 54 17.56 1.50 10.32
CA LEU A 54 18.09 0.56 11.28
C LEU A 54 18.30 1.25 12.59
N ALA A 55 17.86 0.61 13.66
CA ALA A 55 18.30 0.95 15.02
C ALA A 55 19.39 -0.04 15.41
N GLY A 56 20.65 0.37 15.27
CA GLY A 56 21.74 -0.55 15.50
C GLY A 56 21.48 -1.82 14.71
N ASP A 57 21.62 -2.97 15.35
CA ASP A 57 21.22 -4.24 14.75
C ASP A 57 20.03 -4.89 15.46
N ILE A 58 19.20 -4.09 16.12
CA ILE A 58 18.12 -4.65 16.92
C ILE A 58 16.73 -4.19 16.51
N GLY A 59 16.59 -3.36 15.48
CA GLY A 59 15.28 -3.00 15.03
C GLY A 59 15.35 -2.34 13.67
N PHE A 60 14.22 -2.34 12.96
CA PHE A 60 14.19 -1.77 11.63
C PHE A 60 12.79 -1.33 11.25
N ALA A 61 12.76 -0.37 10.33
CA ALA A 61 11.54 0.02 9.62
C ALA A 61 11.80 -0.09 8.13
N TYR A 62 10.89 -0.69 7.37
CA TYR A 62 11.00 -0.81 5.94
C TYR A 62 9.81 -0.04 5.35
N VAL A 63 10.12 0.95 4.51
CA VAL A 63 9.13 1.87 3.95
C VAL A 63 9.21 1.80 2.42
N THR A 64 8.05 1.72 1.78
CA THR A 64 7.97 1.88 0.35
C THR A 64 7.23 3.16 -0.02
N LEU A 65 7.54 3.69 -1.17
CA LEU A 65 6.98 4.90 -1.73
C LEU A 65 6.34 4.59 -3.07
N ARG A 66 5.14 5.11 -3.30
CA ARG A 66 4.45 4.86 -4.55
C ARG A 66 3.62 6.08 -4.94
N PRO A 67 3.31 6.25 -6.22
CA PRO A 67 2.68 7.49 -6.68
C PRO A 67 1.21 7.56 -6.31
N SER A 68 0.67 8.76 -6.20
CA SER A 68 -0.70 9.05 -5.98
C SER A 68 -1.11 10.27 -6.77
N PRO A 69 -2.31 10.26 -7.37
CA PRO A 69 -2.81 11.46 -8.06
C PRO A 69 -3.13 12.59 -7.12
N TYR A 70 -3.20 12.35 -5.80
CA TYR A 70 -3.63 13.35 -4.84
C TYR A 70 -2.51 14.25 -4.37
N TYR A 71 -1.27 13.89 -4.62
CA TYR A 71 -0.13 14.62 -4.09
C TYR A 71 0.99 14.68 -5.09
N ASP A 72 1.81 15.72 -5.01
N ASP A 72 1.84 15.71 -5.00
CA ASP A 72 3.03 15.74 -5.81
CA ASP A 72 3.03 15.69 -5.84
C ASP A 72 4.01 14.67 -5.37
C ASP A 72 4.03 14.65 -5.37
N GLY A 73 4.06 14.38 -4.07
CA GLY A 73 4.95 13.39 -3.54
C GLY A 73 4.26 12.05 -3.45
N PRO A 74 4.97 11.08 -2.90
CA PRO A 74 4.45 9.73 -2.85
C PRO A 74 3.51 9.54 -1.68
N VAL A 75 2.80 8.44 -1.74
CA VAL A 75 2.23 7.79 -0.54
C VAL A 75 3.22 6.79 -0.01
N ALA A 76 3.53 6.88 1.28
CA ALA A 76 4.48 5.98 1.92
C ALA A 76 3.72 4.89 2.64
N MET A 77 4.28 3.69 2.62
N MET A 77 4.31 3.70 2.70
CA MET A 77 3.80 2.54 3.38
CA MET A 77 3.73 2.58 3.41
C MET A 77 4.91 2.08 4.32
C MET A 77 4.81 1.94 4.27
N LEU A 78 4.54 1.87 5.58
CA LEU A 78 5.47 1.25 6.55
C LEU A 78 5.15 -0.22 6.51
N ASP A 79 5.84 -0.90 5.58
CA ASP A 79 5.57 -2.31 5.28
C ASP A 79 6.02 -3.20 6.41
N GLU A 80 7.11 -2.86 7.12
CA GLU A 80 7.55 -3.65 8.27
C GLU A 80 8.10 -2.74 9.34
N LEU A 81 7.79 -3.04 10.60
CA LEU A 81 8.35 -2.32 11.75
C LEU A 81 8.58 -3.30 12.87
N TYR A 82 9.81 -3.42 13.34
CA TYR A 82 10.13 -4.48 14.28
C TYR A 82 11.27 -4.05 15.17
N VAL A 83 11.12 -4.31 16.46
CA VAL A 83 12.20 -4.20 17.44
C VAL A 83 12.39 -5.58 18.09
N ALA A 84 13.65 -6.01 18.22
CA ALA A 84 13.94 -7.30 18.84
C ALA A 84 13.33 -7.37 20.23
N PRO A 85 12.85 -8.53 20.64
CA PRO A 85 12.09 -8.63 21.89
C PRO A 85 12.81 -8.06 23.09
N ALA A 86 14.13 -8.32 23.23
CA ALA A 86 14.84 -7.89 24.42
C ALA A 86 14.97 -6.37 24.48
N HIS A 87 14.66 -5.66 23.40
CA HIS A 87 14.85 -4.22 23.30
C HIS A 87 13.55 -3.44 23.20
N ARG A 88 12.41 -4.10 23.35
CA ARG A 88 11.14 -3.41 23.29
C ARG A 88 10.84 -2.65 24.58
N ASN A 89 9.87 -1.74 24.46
CA ASN A 89 9.37 -0.95 25.57
C ASN A 89 10.40 0.01 26.15
N ARG A 90 11.38 0.37 25.34
CA ARG A 90 12.38 1.33 25.78
C ARG A 90 12.45 2.54 24.86
N GLY A 91 11.51 2.68 23.95
CA GLY A 91 11.48 3.82 23.05
C GLY A 91 12.09 3.62 21.69
N VAL A 92 12.61 2.43 21.37
CA VAL A 92 13.22 2.20 20.05
C VAL A 92 12.21 2.31 18.95
N GLY A 93 11.07 1.68 19.12
CA GLY A 93 10.03 1.78 18.10
C GLY A 93 9.54 3.20 17.90
N THR A 94 9.39 3.92 18.99
CA THR A 94 9.04 5.34 18.88
C THR A 94 10.08 6.08 18.03
N ALA A 95 11.36 5.88 18.31
CA ALA A 95 12.42 6.58 17.59
C ALA A 95 12.41 6.21 16.12
N LEU A 96 12.18 4.92 15.83
CA LEU A 96 12.11 4.49 14.44
C LEU A 96 10.96 5.16 13.72
N LEU A 97 9.77 5.19 14.35
CA LEU A 97 8.63 5.79 13.70
C LEU A 97 8.82 7.30 13.52
N GLN A 98 9.36 7.98 14.53
N GLN A 98 9.41 7.99 14.50
CA GLN A 98 9.73 9.38 14.34
CA GLN A 98 9.69 9.42 14.32
C GLN A 98 10.55 9.54 13.08
C GLN A 98 10.66 9.66 13.16
N ARG A 99 11.62 8.74 12.95
CA ARG A 99 12.51 8.87 11.80
C ARG A 99 11.83 8.50 10.49
N VAL A 100 10.86 7.59 10.51
CA VAL A 100 10.02 7.34 9.32
C VAL A 100 9.34 8.62 8.88
N PHE A 101 8.73 9.34 9.83
CA PHE A 101 8.04 10.58 9.46
C PHE A 101 9.06 11.60 8.94
N GLU A 102 10.22 11.71 9.60
N GLU A 102 10.22 11.68 9.57
CA GLU A 102 11.23 12.63 9.10
CA GLU A 102 11.22 12.62 9.12
C GLU A 102 11.65 12.26 7.67
C GLU A 102 11.77 12.29 7.74
N GLU A 103 11.94 11.00 7.44
CA GLU A 103 12.44 10.66 6.14
C GLU A 103 11.42 10.81 5.04
N ILE A 104 10.18 10.39 5.28
CA ILE A 104 9.19 10.54 4.24
C ILE A 104 8.89 12.04 3.99
N ARG A 105 9.11 12.91 4.99
CA ARG A 105 8.95 14.37 4.76
C ARG A 105 10.00 14.88 3.79
N LYS A 106 11.19 14.27 3.78
CA LYS A 106 12.20 14.67 2.79
C LYS A 106 11.76 14.35 1.37
N HIS A 107 10.88 13.37 1.22
CA HIS A 107 10.25 13.01 -0.04
C HIS A 107 8.92 13.75 -0.25
N SER A 108 8.50 14.58 0.68
N SER A 108 8.50 14.60 0.67
CA SER A 108 7.22 15.29 0.53
CA SER A 108 7.21 15.30 0.56
C SER A 108 6.08 14.29 0.39
C SER A 108 6.05 14.31 0.45
N ALA A 109 6.14 13.18 1.13
CA ALA A 109 5.08 12.19 1.07
C ALA A 109 3.79 12.79 1.59
N GLY A 110 2.70 12.50 0.95
CA GLY A 110 1.43 13.10 1.36
C GLY A 110 0.67 12.33 2.42
N GLU A 111 1.11 11.13 2.69
N GLU A 111 1.12 11.12 2.71
CA GLU A 111 0.42 10.25 3.62
CA GLU A 111 0.40 10.22 3.59
C GLU A 111 1.37 9.10 4.00
C GLU A 111 1.29 9.04 3.95
N LEU A 112 1.17 8.56 5.19
CA LEU A 112 1.76 7.28 5.62
C LEU A 112 0.63 6.31 5.86
N GLN A 113 0.81 5.10 5.38
CA GLN A 113 -0.14 4.01 5.53
C GLN A 113 0.58 2.84 6.21
N ILE A 114 -0.16 2.10 7.02
CA ILE A 114 0.36 0.91 7.68
C ILE A 114 -0.76 -0.15 7.74
N ASN A 115 -0.47 -1.39 7.34
N ASN A 115 -0.48 -1.36 7.42
CA ASN A 115 -1.30 -2.63 7.48
CA ASN A 115 -1.44 -2.43 7.57
C ASN A 115 -1.03 -3.20 8.85
C ASN A 115 -1.08 -3.19 8.81
N VAL A 116 -2.09 -3.40 9.64
CA VAL A 116 -1.93 -3.84 11.03
C VAL A 116 -2.97 -4.92 11.28
N ASP A 117 -2.55 -6.04 11.84
N ASP A 117 -2.54 -6.08 11.76
CA ASP A 117 -3.50 -7.08 12.17
CA ASP A 117 -3.51 -7.09 12.14
C ASP A 117 -4.32 -6.64 13.38
C ASP A 117 -4.32 -6.57 13.32
N GLU A 118 -5.62 -6.83 13.30
CA GLU A 118 -6.52 -6.34 14.33
C GLU A 118 -6.12 -6.90 15.70
N VAL A 119 -5.69 -8.16 15.75
CA VAL A 119 -5.35 -8.79 17.00
C VAL A 119 -4.17 -8.16 17.69
N ASP A 120 -3.39 -7.39 16.97
CA ASP A 120 -2.16 -6.80 17.51
C ASP A 120 -2.49 -5.53 18.27
N THR A 121 -3.13 -5.73 19.43
CA THR A 121 -3.69 -4.60 20.18
C THR A 121 -2.59 -3.69 20.73
N ASP A 122 -1.48 -4.28 21.19
CA ASP A 122 -0.38 -3.45 21.69
C ASP A 122 0.24 -2.63 20.56
N ALA A 123 0.42 -3.20 19.35
CA ALA A 123 0.95 -2.42 18.23
C ALA A 123 -0.02 -1.33 17.81
N ARG A 124 -1.31 -1.64 17.82
CA ARG A 124 -2.31 -0.65 17.50
C ARG A 124 -2.33 0.51 18.47
N ARG A 125 -2.18 0.25 19.77
CA ARG A 125 -2.09 1.32 20.76
C ARG A 125 -0.88 2.20 20.46
N PHE A 126 0.26 1.58 20.14
CA PHE A 126 1.46 2.30 19.74
C PHE A 126 1.17 3.23 18.55
N TYR A 127 0.57 2.73 17.49
CA TYR A 127 0.32 3.59 16.35
C TYR A 127 -0.68 4.69 16.66
N GLU A 128 -1.71 4.40 17.42
CA GLU A 128 -2.70 5.45 17.74
C GLU A 128 -2.10 6.51 18.63
N ARG A 129 -1.17 6.11 19.51
CA ARG A 129 -0.51 7.09 20.35
C ARG A 129 0.39 8.01 19.56
N HIS A 130 0.77 7.61 18.34
CA HIS A 130 1.72 8.39 17.54
C HIS A 130 1.05 8.90 16.26
N GLY A 131 -0.27 9.08 16.29
CA GLY A 131 -0.93 9.91 15.29
C GLY A 131 -1.49 9.20 14.10
N LEU A 132 -1.53 7.89 14.12
N LEU A 132 -1.61 7.88 14.17
CA LEU A 132 -2.19 7.16 13.07
CA LEU A 132 -2.17 7.09 13.08
C LEU A 132 -3.62 6.86 13.45
C LEU A 132 -3.60 6.69 13.41
N THR A 133 -4.47 6.76 12.43
CA THR A 133 -5.89 6.52 12.62
C THR A 133 -6.38 5.43 11.69
N ASN A 134 -7.26 4.58 12.21
CA ASN A 134 -7.96 3.56 11.43
C ASN A 134 -9.30 4.04 10.92
N ILE A 135 -9.68 5.29 11.20
N ILE A 135 -9.70 5.29 11.20
CA ILE A 135 -11.03 5.79 10.95
CA ILE A 135 -11.08 5.72 10.96
C ILE A 135 -11.04 6.79 9.81
C ILE A 135 -11.13 6.82 9.90
N GLU A 136 -12.01 6.63 8.90
CA GLU A 136 -12.23 7.56 7.80
C GLU A 136 -13.74 7.72 7.69
N GLN A 137 -14.24 8.95 7.83
CA GLN A 137 -15.67 9.21 7.73
C GLN A 137 -16.51 8.26 8.60
N GLY A 138 -16.04 8.01 9.82
CA GLY A 138 -16.78 7.24 10.76
C GLY A 138 -16.67 5.75 10.57
N SER A 139 -15.88 5.28 9.62
CA SER A 139 -15.75 3.85 9.32
C SER A 139 -14.31 3.43 9.54
N ARG A 140 -14.13 2.22 10.05
CA ARG A 140 -12.82 1.58 10.04
C ARG A 140 -12.40 1.28 8.61
N MET A 141 -11.08 1.31 8.40
CA MET A 141 -10.47 0.96 7.13
C MET A 141 -9.88 -0.45 7.24
N LEU A 142 -10.14 -1.25 6.21
CA LEU A 142 -9.75 -2.66 6.13
C LEU A 142 -8.82 -2.89 4.93
N LEU A 143 -7.94 -3.88 5.08
CA LEU A 143 -7.09 -4.31 3.98
C LEU A 143 -7.53 -5.68 3.51
N TYR A 144 -7.74 -5.80 2.18
CA TYR A 144 -8.00 -7.08 1.51
C TYR A 144 -6.85 -7.43 0.60
N ILE A 145 -6.49 -8.72 0.59
CA ILE A 145 -5.37 -9.19 -0.19
C ILE A 145 -5.76 -10.43 -0.98
N ARG A 146 -4.96 -10.71 -2.00
CA ARG A 146 -4.90 -12.07 -2.62
C ARG A 146 -3.45 -12.36 -2.90
N GLU A 147 -2.93 -13.43 -2.31
CA GLU A 147 -1.59 -13.96 -2.61
C GLU A 147 -1.60 -14.59 -3.98
N LEU A 148 -0.53 -14.45 -4.72
CA LEU A 148 -0.50 -14.85 -6.14
C LEU A 148 0.75 -15.70 -6.38
N GLU B 6 -14.80 -1.95 -23.84
CA GLU B 6 -13.73 -2.93 -23.69
C GLU B 6 -12.72 -2.33 -22.70
N ILE B 7 -11.93 -3.16 -22.05
CA ILE B 7 -10.91 -2.63 -21.15
C ILE B 7 -9.62 -2.37 -21.91
N ARG B 8 -8.98 -1.23 -21.61
N ARG B 8 -9.00 -1.22 -21.60
CA ARG B 8 -7.69 -0.97 -22.24
CA ARG B 8 -7.76 -0.80 -22.26
C ARG B 8 -6.81 -0.29 -21.23
C ARG B 8 -6.81 -0.24 -21.22
N VAL B 9 -5.51 -0.30 -21.51
CA VAL B 9 -4.52 0.35 -20.66
C VAL B 9 -4.48 1.81 -21.07
N ALA B 10 -4.68 2.70 -20.11
CA ALA B 10 -4.66 4.13 -20.39
C ALA B 10 -3.31 4.60 -20.83
N GLU B 11 -3.32 5.50 -21.82
CA GLU B 11 -2.14 6.23 -22.25
C GLU B 11 -2.11 7.61 -21.60
N VAL B 12 -0.97 8.27 -21.73
CA VAL B 12 -0.81 9.58 -21.13
C VAL B 12 -1.94 10.49 -21.54
N ALA B 13 -2.35 10.43 -22.83
CA ALA B 13 -3.40 11.31 -23.33
C ALA B 13 -4.78 11.03 -22.74
N ASP B 14 -4.96 9.92 -22.05
CA ASP B 14 -6.20 9.60 -21.39
C ASP B 14 -6.29 10.16 -19.98
N ALA B 15 -5.26 10.86 -19.51
CA ALA B 15 -5.26 11.34 -18.14
C ALA B 15 -6.52 12.15 -17.81
N GLY B 16 -7.07 12.88 -18.78
CA GLY B 16 -8.22 13.75 -18.50
C GLY B 16 -9.47 12.95 -18.17
N VAL B 17 -9.68 11.85 -18.89
CA VAL B 17 -10.80 10.95 -18.60
C VAL B 17 -10.64 10.29 -17.23
N VAL B 18 -9.45 9.76 -16.92
CA VAL B 18 -9.20 9.19 -15.62
C VAL B 18 -9.47 10.20 -14.52
N ALA B 19 -8.95 11.42 -14.66
CA ALA B 19 -9.17 12.46 -13.64
C ALA B 19 -10.65 12.74 -13.45
N LYS B 20 -11.41 12.83 -14.54
CA LYS B 20 -12.85 13.07 -14.45
C LYS B 20 -13.53 11.97 -13.66
N LEU B 21 -13.16 10.72 -13.93
CA LEU B 21 -13.80 9.64 -13.21
C LEU B 21 -13.42 9.66 -11.74
N LEU B 22 -12.16 9.97 -11.42
CA LEU B 22 -11.78 10.09 -10.02
C LEU B 22 -12.51 11.23 -9.33
N ARG B 23 -12.69 12.35 -10.01
CA ARG B 23 -13.50 13.44 -9.47
C ARG B 23 -14.91 12.95 -9.20
N ASP B 24 -15.51 12.24 -10.15
CA ASP B 24 -16.86 11.73 -9.95
C ASP B 24 -16.93 10.84 -8.73
N PHE B 25 -15.95 9.94 -8.59
CA PHE B 25 -15.86 9.06 -7.43
C PHE B 25 -15.84 9.84 -6.13
N ASN B 26 -14.98 10.87 -6.05
CA ASN B 26 -14.91 11.64 -4.83
C ASN B 26 -16.21 12.40 -4.60
N THR B 27 -16.79 12.98 -5.66
CA THR B 27 -18.06 13.68 -5.50
C THR B 27 -19.15 12.72 -4.98
N GLU B 28 -19.18 11.49 -5.49
CA GLU B 28 -20.14 10.53 -4.99
C GLU B 28 -20.01 10.32 -3.50
N PHE B 29 -18.79 10.45 -2.98
CA PHE B 29 -18.52 10.21 -1.57
C PHE B 29 -18.36 11.50 -0.76
N ASP B 30 -18.77 12.62 -1.32
CA ASP B 30 -18.65 13.91 -0.64
C ASP B 30 -17.25 14.17 -0.12
N THR B 31 -16.27 13.89 -0.96
CA THR B 31 -14.88 14.19 -0.63
C THR B 31 -14.32 15.21 -1.61
N PRO B 32 -13.79 16.33 -1.14
CA PRO B 32 -13.15 17.29 -2.06
C PRO B 32 -11.82 16.73 -2.55
N VAL B 33 -11.42 17.22 -3.71
CA VAL B 33 -10.27 16.67 -4.41
C VAL B 33 -9.28 17.81 -4.57
N PRO B 34 -7.98 17.56 -4.60
CA PRO B 34 -7.02 18.63 -4.83
C PRO B 34 -7.05 19.03 -6.29
N GLU B 35 -6.48 20.19 -6.57
CA GLU B 35 -6.20 20.54 -7.96
C GLU B 35 -5.17 19.56 -8.52
N GLY B 36 -5.13 19.47 -9.85
CA GLY B 36 -4.02 18.86 -10.55
C GLY B 36 -4.13 17.38 -10.81
N LEU B 37 -5.30 16.76 -10.60
CA LEU B 37 -5.44 15.33 -10.83
C LEU B 37 -4.98 14.94 -12.24
N GLU B 38 -5.42 15.68 -13.25
CA GLU B 38 -5.09 15.32 -14.63
C GLU B 38 -3.59 15.36 -14.86
N GLU B 39 -2.95 16.46 -14.46
CA GLU B 39 -1.50 16.61 -14.62
C GLU B 39 -0.75 15.52 -13.88
N ARG B 40 -1.20 15.16 -12.68
CA ARG B 40 -0.51 14.10 -11.96
C ARG B 40 -0.72 12.75 -12.62
N PHE B 41 -1.95 12.45 -13.07
CA PHE B 41 -2.16 11.18 -13.74
C PHE B 41 -1.32 11.10 -15.02
N ALA B 42 -1.16 12.20 -15.76
CA ALA B 42 -0.33 12.16 -16.97
C ALA B 42 1.09 11.76 -16.63
N GLN B 43 1.63 12.34 -15.54
CA GLN B 43 2.98 12.01 -15.10
C GLN B 43 3.08 10.56 -14.65
N ILE B 44 2.11 10.08 -13.88
CA ILE B 44 2.16 8.75 -13.33
C ILE B 44 2.08 7.71 -14.43
N ILE B 45 1.17 7.91 -15.38
CA ILE B 45 1.00 6.95 -16.48
C ILE B 45 2.26 6.88 -17.31
N ALA B 46 2.96 8.00 -17.47
CA ALA B 46 4.13 8.03 -18.36
C ALA B 46 5.34 7.38 -17.72
N HIS B 47 5.61 7.68 -16.45
CA HIS B 47 6.93 7.49 -15.86
C HIS B 47 7.00 6.48 -14.73
N ASP B 48 5.89 6.18 -14.06
CA ASP B 48 5.98 5.44 -12.81
C ASP B 48 5.67 3.95 -12.98
N ASP B 49 5.93 3.19 -11.90
CA ASP B 49 5.58 1.77 -11.84
C ASP B 49 4.12 1.63 -11.39
N ALA B 50 3.24 2.01 -12.32
CA ALA B 50 1.80 2.12 -12.09
C ALA B 50 1.09 2.14 -13.42
N PHE B 51 -0.19 1.76 -13.39
CA PHE B 51 -0.99 1.83 -14.61
C PHE B 51 -2.43 2.10 -14.29
N VAL B 52 -3.16 2.53 -15.31
CA VAL B 52 -4.61 2.73 -15.21
C VAL B 52 -5.27 1.92 -16.31
N LEU B 53 -6.32 1.20 -15.94
CA LEU B 53 -7.21 0.52 -16.90
C LEU B 53 -8.49 1.31 -17.00
N LEU B 54 -8.95 1.49 -18.23
CA LEU B 54 -10.20 2.18 -18.55
C LEU B 54 -11.17 1.20 -19.20
N ALA B 55 -12.42 1.28 -18.76
CA ALA B 55 -13.57 0.67 -19.41
C ALA B 55 -14.34 1.75 -20.14
N GLY B 56 -14.09 1.87 -21.44
CA GLY B 56 -14.64 3.01 -22.17
C GLY B 56 -14.27 4.28 -21.44
N ASP B 57 -15.29 5.12 -21.19
CA ASP B 57 -15.11 6.29 -20.33
C ASP B 57 -16.00 6.23 -19.08
N ILE B 58 -16.35 5.03 -18.63
CA ILE B 58 -17.32 4.82 -17.56
C ILE B 58 -16.77 4.06 -16.35
N GLY B 59 -15.52 3.66 -16.37
CA GLY B 59 -14.94 2.98 -15.21
C GLY B 59 -13.43 2.92 -15.35
N PHE B 60 -12.75 2.80 -14.21
CA PHE B 60 -11.28 2.67 -14.24
C PHE B 60 -10.77 1.89 -13.06
N ALA B 61 -9.56 1.41 -13.22
CA ALA B 61 -8.74 0.88 -12.13
C ALA B 61 -7.36 1.48 -12.11
N TYR B 62 -6.90 1.97 -10.97
CA TYR B 62 -5.57 2.53 -10.84
C TYR B 62 -4.75 1.65 -9.93
N VAL B 63 -3.65 1.10 -10.49
CA VAL B 63 -2.81 0.13 -9.81
C VAL B 63 -1.39 0.67 -9.66
N THR B 64 -0.82 0.48 -8.45
CA THR B 64 0.58 0.81 -8.17
C THR B 64 1.34 -0.47 -7.89
N LEU B 65 2.63 -0.49 -8.28
CA LEU B 65 3.52 -1.65 -8.11
C LEU B 65 4.70 -1.21 -7.27
N ARG B 66 4.92 -1.78 -6.13
CA ARG B 66 5.99 -1.37 -5.23
C ARG B 66 6.83 -2.58 -4.84
N PRO B 67 8.03 -2.38 -4.32
CA PRO B 67 8.92 -3.51 -4.09
C PRO B 67 8.52 -4.24 -2.83
N SER B 68 8.90 -5.53 -2.78
CA SER B 68 8.64 -6.39 -1.63
C SER B 68 9.80 -7.35 -1.46
N PRO B 69 10.27 -7.58 -0.23
CA PRO B 69 11.28 -8.63 -0.04
C PRO B 69 10.70 -10.03 -0.11
N TYR B 70 9.40 -10.19 -0.21
CA TYR B 70 8.75 -11.53 -0.21
C TYR B 70 8.73 -12.17 -1.59
N TYR B 71 8.96 -11.37 -2.62
CA TYR B 71 8.76 -11.78 -4.00
C TYR B 71 9.83 -11.20 -4.89
N ASP B 72 10.14 -11.90 -6.02
CA ASP B 72 10.99 -11.26 -7.02
C ASP B 72 10.29 -10.08 -7.69
N GLY B 73 9.02 -10.17 -7.88
CA GLY B 73 8.20 -9.12 -8.45
C GLY B 73 7.65 -8.24 -7.38
N PRO B 74 6.83 -7.32 -7.84
CA PRO B 74 6.28 -6.32 -6.92
C PRO B 74 5.08 -6.83 -6.16
N VAL B 75 4.64 -6.03 -5.21
N VAL B 75 4.69 -6.05 -5.17
CA VAL B 75 3.33 -6.12 -4.62
CA VAL B 75 3.34 -6.07 -4.61
C VAL B 75 2.46 -5.02 -5.20
C VAL B 75 2.51 -5.05 -5.35
N ALA B 76 1.32 -5.44 -5.74
CA ALA B 76 0.40 -4.51 -6.40
C ALA B 76 -0.63 -4.04 -5.43
N MET B 77 -1.04 -2.81 -5.60
CA MET B 77 -2.11 -2.16 -4.85
C MET B 77 -3.12 -1.60 -5.84
N LEU B 78 -4.38 -2.03 -5.69
CA LEU B 78 -5.45 -1.45 -6.46
C LEU B 78 -5.94 -0.25 -5.67
N ASP B 79 -5.31 0.87 -5.95
CA ASP B 79 -5.49 2.09 -5.16
C ASP B 79 -6.84 2.72 -5.41
N GLU B 80 -7.40 2.53 -6.62
N GLU B 80 -7.38 2.53 -6.62
CA GLU B 80 -8.71 3.07 -6.93
CA GLU B 80 -8.71 3.01 -6.94
C GLU B 80 -9.42 2.15 -7.92
C GLU B 80 -9.39 2.01 -7.86
N LEU B 81 -10.70 1.79 -7.65
CA LEU B 81 -11.52 1.03 -8.59
C LEU B 81 -12.90 1.64 -8.56
N TYR B 82 -13.37 2.04 -9.74
CA TYR B 82 -14.62 2.75 -9.79
C TYR B 82 -15.34 2.48 -11.10
N VAL B 83 -16.64 2.23 -10.99
CA VAL B 83 -17.51 2.17 -12.14
C VAL B 83 -18.60 3.22 -11.95
N ALA B 84 -18.95 3.98 -13.00
CA ALA B 84 -19.96 5.02 -12.84
C ALA B 84 -21.29 4.39 -12.42
N PRO B 85 -22.07 5.06 -11.54
CA PRO B 85 -23.21 4.39 -10.92
C PRO B 85 -24.19 3.81 -11.90
N ALA B 86 -24.44 4.46 -13.02
CA ALA B 86 -25.44 3.94 -13.97
C ALA B 86 -24.98 2.70 -14.70
N HIS B 87 -23.70 2.40 -14.66
CA HIS B 87 -23.12 1.25 -15.35
C HIS B 87 -22.76 0.10 -14.42
N ARG B 88 -23.17 0.13 -13.17
CA ARG B 88 -22.85 -0.90 -12.20
C ARG B 88 -23.75 -2.12 -12.37
N ASN B 89 -23.36 -3.22 -11.71
CA ASN B 89 -24.11 -4.46 -11.67
C ASN B 89 -24.35 -5.01 -13.06
N ARG B 90 -23.40 -4.77 -13.97
N ARG B 90 -23.41 -4.75 -13.99
CA ARG B 90 -23.49 -5.33 -15.31
CA ARG B 90 -23.47 -5.31 -15.33
C ARG B 90 -22.18 -6.02 -15.70
C ARG B 90 -22.18 -6.02 -15.70
N GLY B 91 -21.28 -6.22 -14.76
CA GLY B 91 -20.04 -6.94 -14.99
C GLY B 91 -18.83 -6.09 -15.31
N VAL B 92 -18.96 -4.76 -15.30
CA VAL B 92 -17.81 -3.91 -15.62
C VAL B 92 -16.75 -4.01 -14.54
N GLY B 93 -17.12 -3.89 -13.27
CA GLY B 93 -16.12 -4.02 -12.21
C GLY B 93 -15.42 -5.37 -12.22
N THR B 94 -16.19 -6.46 -12.42
CA THR B 94 -15.55 -7.77 -12.56
C THR B 94 -14.53 -7.77 -13.71
N ALA B 95 -14.90 -7.21 -14.87
CA ALA B 95 -13.98 -7.19 -15.99
C ALA B 95 -12.73 -6.39 -15.68
N LEU B 96 -12.89 -5.25 -15.04
CA LEU B 96 -11.73 -4.47 -14.64
C LEU B 96 -10.85 -5.24 -13.69
N LEU B 97 -11.44 -5.88 -12.69
CA LEU B 97 -10.62 -6.56 -11.70
C LEU B 97 -9.93 -7.77 -12.33
N GLN B 98 -10.63 -8.51 -13.21
CA GLN B 98 -9.99 -9.58 -13.94
C GLN B 98 -8.76 -9.04 -14.67
N ARG B 99 -8.93 -7.92 -15.39
CA ARG B 99 -7.82 -7.35 -16.14
C ARG B 99 -6.71 -6.87 -15.22
N VAL B 100 -7.04 -6.40 -14.02
CA VAL B 100 -6.00 -6.10 -13.04
C VAL B 100 -5.15 -7.33 -12.78
N PHE B 101 -5.79 -8.46 -12.42
CA PHE B 101 -5.03 -9.70 -12.20
C PHE B 101 -4.19 -10.06 -13.40
N GLU B 102 -4.75 -9.93 -14.61
N GLU B 102 -4.76 -9.96 -14.61
CA GLU B 102 -4.01 -10.31 -15.81
CA GLU B 102 -4.00 -10.28 -15.81
C GLU B 102 -2.80 -9.40 -16.03
C GLU B 102 -2.77 -9.39 -15.95
N GLU B 103 -2.96 -8.09 -15.80
CA GLU B 103 -1.85 -7.15 -16.01
C GLU B 103 -0.78 -7.30 -14.95
N ILE B 104 -1.16 -7.43 -13.68
CA ILE B 104 -0.14 -7.60 -12.67
C ILE B 104 0.61 -8.92 -12.81
N ARG B 105 -0.03 -9.95 -13.41
CA ARG B 105 0.66 -11.23 -13.69
C ARG B 105 1.75 -11.06 -14.71
N LYS B 106 1.62 -10.10 -15.64
CA LYS B 106 2.69 -9.85 -16.59
C LYS B 106 3.90 -9.25 -15.90
N HIS B 107 3.71 -8.60 -14.73
CA HIS B 107 4.77 -8.11 -13.86
C HIS B 107 5.20 -9.14 -12.80
N SER B 108 4.64 -10.34 -12.78
CA SER B 108 4.94 -11.36 -11.75
C SER B 108 4.74 -10.75 -10.37
N ALA B 109 3.67 -9.96 -10.22
CA ALA B 109 3.35 -9.48 -8.90
C ALA B 109 3.04 -10.62 -7.96
N GLY B 110 3.48 -10.53 -6.73
CA GLY B 110 3.30 -11.62 -5.78
C GLY B 110 1.99 -11.55 -5.05
N GLU B 111 1.26 -10.43 -5.14
N GLU B 111 1.35 -10.38 -4.99
CA GLU B 111 0.11 -10.22 -4.29
CA GLU B 111 0.14 -10.17 -4.21
C GLU B 111 -0.55 -8.95 -4.72
C GLU B 111 -0.56 -8.96 -4.79
N LEU B 112 -1.88 -8.92 -4.59
CA LEU B 112 -2.71 -7.74 -4.81
C LEU B 112 -3.32 -7.34 -3.46
N GLN B 113 -3.24 -6.06 -3.17
CA GLN B 113 -3.84 -5.45 -1.98
C GLN B 113 -4.84 -4.39 -2.37
N ILE B 114 -5.85 -4.21 -1.50
CA ILE B 114 -6.88 -3.19 -1.72
C ILE B 114 -7.32 -2.73 -0.35
N ASN B 115 -7.47 -1.44 -0.18
CA ASN B 115 -7.99 -0.80 1.03
C ASN B 115 -9.46 -0.47 0.79
N VAL B 116 -10.29 -0.77 1.79
N VAL B 116 -10.30 -0.76 1.79
CA VAL B 116 -11.74 -0.58 1.69
CA VAL B 116 -11.73 -0.52 1.65
C VAL B 116 -12.28 -0.19 3.05
C VAL B 116 -12.31 -0.22 3.02
N ASP B 117 -13.23 0.73 3.05
CA ASP B 117 -13.90 1.06 4.28
C ASP B 117 -14.83 -0.07 4.66
N GLU B 118 -14.85 -0.34 5.96
CA GLU B 118 -15.70 -1.39 6.51
C GLU B 118 -17.14 -1.17 6.13
N VAL B 119 -17.60 0.08 6.09
CA VAL B 119 -19.00 0.37 5.79
C VAL B 119 -19.39 0.14 4.35
N ASP B 120 -18.41 -0.09 3.47
CA ASP B 120 -18.68 -0.28 2.04
C ASP B 120 -18.91 -1.77 1.77
N THR B 121 -20.09 -2.24 2.23
CA THR B 121 -20.35 -3.68 2.22
C THR B 121 -20.51 -4.22 0.80
N ASP B 122 -21.01 -3.40 -0.14
CA ASP B 122 -21.12 -3.92 -1.50
C ASP B 122 -19.75 -4.15 -2.09
N ALA B 123 -18.83 -3.19 -1.91
CA ALA B 123 -17.49 -3.38 -2.42
C ALA B 123 -16.86 -4.58 -1.75
N ARG B 124 -17.03 -4.69 -0.45
CA ARG B 124 -16.44 -5.81 0.28
C ARG B 124 -16.98 -7.13 -0.23
N ARG B 125 -18.28 -7.21 -0.48
CA ARG B 125 -18.87 -8.44 -0.99
C ARG B 125 -18.28 -8.75 -2.36
N PHE B 126 -18.11 -7.73 -3.19
CA PHE B 126 -17.52 -7.89 -4.52
C PHE B 126 -16.12 -8.44 -4.39
N TYR B 127 -15.30 -7.84 -3.56
N TYR B 127 -15.30 -7.86 -3.52
CA TYR B 127 -13.93 -8.34 -3.43
CA TYR B 127 -13.92 -8.33 -3.42
C TYR B 127 -13.87 -9.76 -2.87
C TYR B 127 -13.84 -9.78 -2.94
N GLU B 128 -14.72 -10.06 -1.89
N GLU B 128 -14.59 -10.11 -1.89
CA GLU B 128 -14.74 -11.40 -1.29
CA GLU B 128 -14.60 -11.48 -1.37
C GLU B 128 -15.20 -12.47 -2.25
C GLU B 128 -15.01 -12.46 -2.45
N ARG B 129 -16.04 -12.10 -3.22
CA ARG B 129 -16.54 -13.04 -4.21
C ARG B 129 -15.55 -13.18 -5.37
N HIS B 130 -14.56 -12.34 -5.46
CA HIS B 130 -13.56 -12.39 -6.51
C HIS B 130 -12.19 -12.65 -5.94
N GLY B 131 -12.11 -13.29 -4.78
CA GLY B 131 -10.89 -13.95 -4.31
C GLY B 131 -10.00 -13.20 -3.39
N LEU B 132 -10.47 -12.08 -2.85
CA LEU B 132 -9.71 -11.32 -1.88
C LEU B 132 -10.21 -11.56 -0.47
N THR B 133 -9.30 -11.48 0.47
CA THR B 133 -9.63 -11.78 1.87
C THR B 133 -9.11 -10.69 2.81
N ASN B 134 -9.87 -10.43 3.86
CA ASN B 134 -9.49 -9.54 4.94
C ASN B 134 -8.75 -10.28 6.03
N ILE B 135 -8.53 -11.58 5.93
CA ILE B 135 -8.02 -12.41 7.00
C ILE B 135 -6.58 -12.84 6.69
N GLU B 136 -5.71 -12.66 7.65
CA GLU B 136 -4.34 -13.14 7.59
C GLU B 136 -4.01 -13.70 8.97
N GLN B 137 -3.44 -14.89 9.01
CA GLN B 137 -3.14 -15.58 10.24
C GLN B 137 -4.27 -15.48 11.25
N GLY B 138 -5.47 -15.68 10.76
CA GLY B 138 -6.62 -15.76 11.64
C GLY B 138 -7.09 -14.44 12.20
N SER B 139 -6.66 -13.30 11.65
CA SER B 139 -7.08 -11.99 12.12
C SER B 139 -7.48 -11.13 10.95
N ARG B 140 -8.44 -10.23 11.20
CA ARG B 140 -8.70 -9.18 10.23
C ARG B 140 -7.48 -8.27 10.11
N MET B 141 -7.39 -7.65 8.94
CA MET B 141 -6.36 -6.66 8.63
C MET B 141 -6.91 -5.25 8.52
N LEU B 142 -6.29 -4.35 9.27
CA LEU B 142 -6.69 -2.96 9.35
C LEU B 142 -5.67 -2.04 8.68
N LEU B 143 -6.17 -0.98 8.08
CA LEU B 143 -5.33 0.08 7.54
C LEU B 143 -5.34 1.26 8.50
N TYR B 144 -4.16 1.64 8.91
CA TYR B 144 -3.93 2.90 9.65
C TYR B 144 -3.22 3.91 8.77
N ILE B 145 -3.61 5.17 8.88
CA ILE B 145 -3.02 6.22 8.07
C ILE B 145 -2.72 7.43 8.92
N ARG B 146 -1.81 8.26 8.39
CA ARG B 146 -1.69 9.67 8.82
C ARG B 146 -1.55 10.53 7.57
N GLU B 147 -2.46 11.48 7.34
CA GLU B 147 -2.36 12.44 6.29
C GLU B 147 -1.37 13.53 6.65
N LEU B 148 -0.55 13.95 5.70
CA LEU B 148 0.60 14.84 5.93
C LEU B 148 0.57 16.02 4.99
O6 51G C . -0.70 -8.54 4.24
C14 51G C . 0.62 -8.49 3.70
C15 51G C . 1.30 -9.91 3.58
N 51G C . 0.38 -10.71 2.71
C19 51G C . 0.58 -12.12 2.61
C16 51G C . 2.68 -9.67 2.96
C18 51G C . 3.43 -11.00 2.88
O5 51G C . 2.62 -9.03 1.72
C17 51G C . 3.42 -8.74 3.96
O4 51G C . 2.73 -7.49 4.22
C13 51G C . 1.37 -7.56 4.62
O3 51G C . 1.38 -8.08 5.91
C11 51G C . 1.55 -7.14 7.01
C10 51G C . 0.96 -7.82 8.31
N1 51G C . -0.43 -8.29 8.05
C9 51G C . 1.01 -6.69 9.36
C8 51G C . 2.44 -6.10 9.56
N2 51G C . 2.44 -4.61 9.29
C12 51G C . 3.08 -6.82 7.17
O2 51G C . 3.32 -5.57 6.52
C7 51G C . 3.53 -6.69 8.65
O1 51G C . 3.76 -8.05 9.17
C6 51G C . 4.62 -8.16 10.26
C5 51G C . 5.42 -9.49 10.10
N3 51G C . 6.07 -9.52 8.77
C4 51G C . 4.48 -10.67 10.22
C3 51G C . 3.94 -10.60 11.62
O 51G C . 3.92 -8.15 11.51
C2 51G C . 3.16 -9.30 11.81
C1 51G C . 2.77 -9.40 13.35
C 51G C . 3.25 -8.19 14.09
N4 51G C . 1.32 -9.76 13.48
C20 51G C . 1.15 -11.21 13.33
H1 51G C . -0.64 -8.92 5.00
H2 51G C . 0.65 -8.06 2.83
H3 51G C . 1.52 -10.36 4.41
H4 51G C . -0.45 -10.57 2.99
H6 51G C . 1.30 -12.30 1.98
H7 51G C . 0.82 -12.47 3.49
H8 51G C . -0.24 -12.53 2.30
H9 51G C . 3.34 -11.40 2.00
H10 51G C . 3.10 -11.64 3.54
H11 51G C . 4.39 -10.88 3.05
H12 51G C . 3.38 -9.20 1.33
H13 51G C . 3.53 -9.14 4.83
H14 51G C . 4.30 -8.48 3.64
H15 51G C . 1.02 -6.67 4.52
H16 51G C . 1.10 -6.30 6.85
H17 51G C . 1.44 -8.61 8.61
H18 51G C . -1.00 -7.62 8.32
H19 51G C . -0.58 -8.37 7.16
H21 51G C . 0.66 -6.99 10.20
H22 51G C . 0.40 -5.97 9.11
H23 51G C . 2.66 -6.35 10.47
H24 51G C . 1.87 -4.21 9.81
H25 51G C . 2.18 -4.43 8.44
H27 51G C . 3.62 -7.55 6.82
H28 51G C . 3.87 -5.68 5.88
H29 51G C . 4.33 -6.14 8.61
H30 51G C . 5.17 -7.37 10.40
H31 51G C . 6.06 -9.51 10.84
H32 51G C . 6.76 -10.08 8.69
H33 51G C . 5.50 -9.58 8.09
H35 51G C . 3.76 -10.62 9.56
H36 51G C . 4.92 -11.51 10.05
H37 51G C . 3.38 -11.36 11.82
H38 51G C . 4.67 -10.65 12.26
H39 51G C . 2.37 -9.19 11.25
H40 51G C . 3.21 -10.17 13.74
H41 51G C . 2.74 -7.41 13.84
H42 51G C . 4.18 -8.00 13.89
H43 51G C . 3.17 -8.30 15.05
H44 51G C . 0.84 -9.34 12.85
H46 51G C . 1.74 -11.66 13.96
H47 51G C . 0.23 -11.44 13.52
H48 51G C . 1.38 -11.46 12.43
C02 6IM D . 7.60 -3.56 18.90
C02 6IM D . 7.76 -3.53 18.86
C03 6IM D . 6.88 -2.44 18.15
C03 6IM D . 6.98 -2.35 18.27
C04 6IM D . 5.43 -2.69 17.88
C04 6IM D . 5.51 -2.58 18.08
C05 6IM D . 6.92 -1.15 18.98
C05 6IM D . 7.18 -1.19 19.24
C11 6IM D . 5.76 2.53 23.33
C11 6IM D . 6.15 1.03 23.55
C12 6IM D . 5.38 1.85 24.63
C12 6IM D . 4.74 0.57 23.16
C13 6IM D . 4.44 2.50 25.23
C13 6IM D . 4.07 -0.11 24.07
C14 6IM D . 4.50 1.96 26.65
C14 6IM D . 3.14 -1.00 23.25
C15 6IM D . 6.05 2.02 26.79
C15 6IM D . 4.08 -1.48 22.12
C18 6IM D . 5.89 4.13 28.07
C18 6IM D . 5.65 -3.15 23.21
C20 6IM D . 7.19 5.45 26.99
C20 6IM D . 5.08 -4.96 22.17
C21 6IM D . 7.21 4.23 26.36
C21 6IM D . 4.30 -3.93 21.70
C23 6IM D . 8.69 5.06 24.83
C23 6IM D . 3.24 -5.36 20.25
C25 6IM D . 7.97 6.47 26.49
C25 6IM D . 4.89 -6.23 21.63
C37 6IM D . 7.64 -2.21 16.84
C37 6IM D . 7.58 -1.93 16.94
C38 6IM D . 7.53 -4.91 18.21
C38 6IM D . 7.70 -4.78 18.01
C40 6IM D . 6.22 -7.12 18.20
C40 6IM D . 6.56 -6.98 17.58
C41 6IM D . 6.08 -7.07 16.70
C41 6IM D . 6.22 -6.70 16.14
C42 6IM D . 5.15 -6.02 16.09
C42 6IM D . 5.08 -5.71 15.87
C44 6IM D . 4.94 -3.97 14.61
C44 6IM D . 4.25 -3.78 14.37
C45 6IM D . 4.75 -4.61 13.23
C45 6IM D . 3.48 -4.21 13.14
C47 6IM D . 2.92 -3.29 12.26
C47 6IM D . 4.51 -3.54 10.87
C48 6IM D . 2.31 -2.39 11.22
C48 6IM D . 4.50 -2.53 9.71
N17 6IM D . 6.39 3.43 27.08
N17 6IM D . 4.68 -2.81 22.35
N19 6IM D . 6.38 5.37 28.04
N19 6IM D . 5.89 -4.46 23.13
N22 6IM D . 7.96 4.05 25.29
N22 6IM D . 3.40 -4.15 20.72
N24 6IM D . 8.70 6.24 25.41
N24 6IM D . 3.98 -6.39 20.68
N26 6IM D . 7.93 7.74 27.18
N26 6IM D . 5.68 -7.35 22.10
N39 6IM D . 6.46 -5.77 18.71
N39 6IM D . 6.67 -5.75 18.32
N43 6IM D . 5.75 -4.99 15.27
N43 6IM D . 5.24 -4.78 14.74
N46 6IM D . 4.28 -3.73 12.19
N46 6IM D . 3.60 -3.28 12.00
O01 6IM D . 7.07 -3.73 20.19
O01 6IM D . 7.30 -3.89 20.16
O06 6IM D . 8.23 -0.94 19.38
O06 6IM D . 8.57 -1.08 19.47
O08 6IM D . 8.23 1.06 20.83
O08 6IM D . 8.00 0.43 21.37
O10 6IM D . 6.57 1.62 22.68
O10 6IM D . 6.80 2.11 22.79
O16 6IM D . 6.62 1.78 25.66
O16 6IM D . 5.00 -0.56 22.04
O27 6IM D . 4.03 0.71 26.82
O27 6IM D . 2.09 -0.27 22.74
O28 6IM D . 3.18 2.18 24.48
O28 6IM D . 3.12 0.74 24.84
O30 6IM D . 1.47 2.83 22.75
O30 6IM D . 1.37 1.26 26.61
O31 6IM D . 1.24 3.73 25.00
O31 6IM D . 2.49 -0.97 26.72
O32 6IM D . 3.01 4.63 23.52
O32 6IM D . 3.68 1.09 27.35
O33 6IM D . 8.30 3.45 21.79
O33 6IM D . 8.76 2.89 21.53
O34 6IM D . 9.09 1.41 23.13
O34 6IM D . 9.20 1.27 23.50
O35 6IM D . 7.97 -1.46 21.83
O35 6IM D . 8.80 -1.91 21.90
O36 6IM D . 10.16 -0.75 20.94
O36 6IM D . 10.52 -0.25 20.90
O49 6IM D . 2.30 -3.62 13.14
O49 6IM D . 5.28 -4.48 10.85
O50 6IM D . 3.97 -6.06 16.28
O50 6IM D . 4.09 -5.74 16.56
O51 6IM D . 8.31 -5.22 17.37
O51 6IM D . 8.48 -4.98 17.16
P07 6IM D . 8.65 -0.52 20.89
P07 6IM D . 9.08 -0.73 20.99
P09 6IM D . 8.08 2.00 22.17
P09 6IM D . 8.34 1.71 22.34
P29 6IM D . 2.26 3.38 23.90
P29 6IM D . 2.63 0.49 26.43
H021 6IM D . 8.54 -3.29 18.91
H021 6IM D . 8.67 -3.22 18.90
H043 6IM D . 4.94 -2.69 18.71
H043 6IM D . 5.10 -2.82 18.93
H041 6IM D . 5.32 -3.55 17.45
H041 6IM D . 5.36 -3.28 17.44
H042 6IM D . 5.08 -1.99 17.31
H042 6IM D . 5.10 -1.75 17.76
H052 6IM D . 6.35 -1.25 19.77
H052 6IM D . 6.72 -1.36 20.07
H051 6IM D . 6.61 -0.40 18.45
H051 6IM D . 6.85 -0.37 18.84
H112 6IM D . 6.25 3.35 23.51
H112 6IM D . 6.73 0.26 23.47
H111 6IM D . 4.97 2.73 22.80
H111 6IM D . 6.11 1.32 24.47
H121 6IM D . 5.09 0.93 24.43
H121 6IM D . 4.20 1.34 22.93
H131 6IM D . 4.54 3.46 25.29
H131 6IM D . 4.72 -0.55 24.63
H141 6IM D . 3.99 2.49 27.29
H141 6IM D . 2.79 -1.75 23.76
H151 6IM D . 6.32 1.35 27.44
H151 6IM D . 3.57 -1.54 21.30
H181 6IM D . 5.29 3.81 28.71
H181 6IM D . 6.09 -2.55 23.77
H231 6IM D . 9.22 4.92 24.07
H231 6IM D . 2.60 -5.52 19.59
H371 6IM D . 7.34 -1.38 16.43
H371 6IM D . 7.12 -1.15 16.60
H372 6IM D . 7.47 -2.95 16.24
H372 6IM D . 7.49 -2.65 16.29
H373 6IM D . 8.59 -2.16 17.02
H373 6IM D . 8.52 -1.72 17.05
H401 6IM D . 5.40 -7.47 18.59
H401 6IM D . 5.85 -7.53 17.98
H402 6IM D . 6.95 -7.69 18.45
H402 6IM D . 7.40 -7.47 17.64
H411 6IM D . 5.78 -7.94 16.40
H411 6IM D . 6.01 -7.53 15.71
H412 6IM D . 6.97 -6.92 16.33
H412 6IM D . 7.02 -6.34 15.72
H442 6IM D . 5.41 -3.12 14.55
H442 6IM D . 4.70 -2.94 14.19
H441 6IM D . 4.09 -3.84 15.06
H441 6IM D . 3.63 -3.67 15.10
H452 6IM D . 4.12 -5.34 13.32
H452 6IM D . 2.54 -4.29 13.37
H451 6IM D . 5.61 -4.97 12.95
H451 6IM D . 3.81 -5.08 12.85
H483 6IM D . 1.44 -2.75 10.97
H483 6IM D . 5.00 -1.74 9.97
H481 6IM D . 2.89 -2.36 10.45
H481 6IM D . 3.58 -2.29 9.51
H482 6IM D . 2.20 -1.50 11.59
H482 6IM D . 4.91 -2.94 8.93
H262 6IM D . 7.35 8.33 26.98
H262 6IM D . 5.81 -8.03 21.60
H261 6IM D . 8.52 7.90 27.79
H261 6IM D . 6.01 -7.32 22.90
H391 6IM D . 5.95 -5.46 19.33
H391 6IM D . 6.12 -5.58 18.95
H431 6IM D . 6.60 -4.98 15.17
H431 6IM D . 5.97 -4.81 14.29
H461 6IM D . 4.79 -3.49 11.54
H461 6IM D . 3.11 -2.57 11.99
H011 6IM D . 6.26 -3.44 20.20
H011 6IM D . 7.71 -3.46 20.75
H271 6IM D . 4.64 0.15 26.66
H271 6IM D . 1.36 -0.68 22.91
C ACT E . -7.50 5.45 1.80
O ACT E . -8.63 5.22 1.30
OXT ACT E . -7.38 5.99 2.92
CH3 ACT E . -6.23 5.03 1.08
H1 ACT E . -6.41 4.98 0.12
H2 ACT E . -5.94 4.16 1.39
H3 ACT E . -5.54 5.68 1.24
C02 6IM F . -18.69 -0.47 -7.84
C02 6IM F . -18.65 -0.48 -8.04
C02 6IM F . -18.62 -0.49 -7.87
C03 6IM F . -17.68 -1.61 -7.98
C03 6IM F . -17.57 -1.55 -7.90
C03 6IM F . -17.52 -1.55 -7.89
C04 6IM F . -17.22 -2.05 -6.58
C04 6IM F . -17.25 -1.87 -6.44
C04 6IM F . -17.10 -1.89 -6.47
C05 6IM F . -18.35 -2.78 -8.73
C05 6IM F . -18.10 -2.82 -8.57
C05 6IM F . -18.12 -2.82 -8.50
C11 6IM F . -21.16 -6.42 -9.11
C11 6IM F . -21.19 -6.46 -8.66
C11 6IM F . -21.18 -6.43 -8.78
C12 6IM F . -22.40 -7.28 -8.87
C12 6IM F . -22.46 -7.26 -8.56
C12 6IM F . -22.43 -7.28 -8.62
C13 6IM F . -22.20 -8.49 -8.46
C13 6IM F . -22.22 -8.52 -8.36
C13 6IM F . -22.19 -8.53 -8.40
C14 6IM F . -23.36 -9.33 -9.00
C14 6IM F . -23.32 -9.25 -9.11
C14 6IM F . -23.33 -9.28 -9.07
C15 6IM F . -23.78 -8.61 -10.32
C15 6IM F . -23.71 -8.31 -10.28
C15 6IM F . -23.76 -8.38 -10.26
C18 6IM F . -22.43 -8.85 -12.36
C18 6IM F . -21.86 -9.02 -11.80
C18 6IM F . -21.95 -9.10 -11.81
C20 6IM F . -22.89 -10.85 -13.04
C20 6IM F . -22.86 -9.18 -13.71
C20 6IM F . -22.97 -9.26 -13.70
C21 6IM F . -23.61 -10.60 -11.89
C21 6IM F . -23.78 -8.78 -12.77
C21 6IM F . -23.88 -8.87 -12.75
C23 6IM F . -24.54 -12.71 -12.04
C23 6IM F . -25.43 -8.73 -14.40
C23 6IM F . -25.53 -8.85 -14.37
C25 6IM F . -23.05 -12.09 -13.67
C25 6IM F . -23.29 -9.34 -15.04
C25 6IM F . -23.40 -9.45 -15.02
C37 6IM F . -16.46 -1.18 -8.75
C37 6IM F . -16.31 -1.08 -8.61
C37 6IM F . -16.34 -1.06 -8.71
C38 6IM F . -18.04 0.85 -7.49
C38 6IM F . -18.19 0.92 -7.61
C38 6IM F . -18.15 0.93 -7.57
C40 6IM F . -17.20 2.36 -5.65
C40 6IM F . -18.22 2.74 -5.88
C40 6IM F . -18.13 2.80 -5.88
C41 6IM F . -18.22 3.25 -5.00
C41 6IM F . -17.58 2.68 -4.50
C41 6IM F . -17.46 2.80 -4.50
C42 6IM F . -19.14 2.57 -3.98
C42 6IM F . -16.46 1.67 -4.27
C42 6IM F . -16.20 1.95 -4.32
C44 6IM F . -21.63 2.61 -3.21
C44 6IM F . -14.62 0.22 -5.18
C44 6IM F . -14.60 0.85 -2.73
C45 6IM F . -21.36 1.48 -2.22
C45 6IM F . -13.54 0.93 -4.39
C45 6IM F . -13.37 1.74 -2.84
C47 6IM F . -22.68 0.21 -0.47
C47 6IM F . -11.06 0.98 -4.61
C47 6IM F . -11.27 1.40 -4.24
C48 6IM F . -24.04 -0.05 0.19
C48 6IM F . -9.70 0.29 -4.69
C48 6IM F . -10.08 0.54 -4.63
N17 6IM F . -23.28 -9.36 -11.49
N17 6IM F . -23.13 -8.70 -11.59
N17 6IM F . -23.21 -8.79 -11.58
N19 6IM F . -22.17 -9.75 -13.30
N19 6IM F . -21.68 -9.32 -13.08
N19 6IM F . -21.78 -9.40 -13.08
N22 6IM F . -24.43 -11.56 -11.41
N22 6IM F . -25.06 -8.57 -13.14
N22 6IM F . -25.17 -8.66 -13.11
N24 6IM F . -23.86 -12.99 -13.15
N24 6IM F . -24.57 -9.12 -15.34
N24 6IM F . -24.68 -9.22 -15.32
N26 6IM F . -22.31 -12.39 -14.90
N26 6IM F . -22.34 -9.77 -16.07
N26 6IM F . -22.44 -9.87 -16.04
N39 6IM F . -17.86 1.12 -6.07
N39 6IM F . -18.62 1.42 -6.32
N39 6IM F . -18.53 1.45 -6.26
N43 6IM F . -20.50 3.05 -4.03
N43 6IM F . -15.69 1.17 -5.40
N43 6IM F . -15.78 1.65 -2.95
N46 6IM F . -22.62 1.19 -1.54
N46 6IM F . -12.28 0.21 -4.44
N46 6IM F . -12.22 0.93 -3.23
O01 6IM F . -19.53 -0.75 -6.72
O01 6IM F . -19.77 -0.80 -7.24
O01 6IM F . -19.49 -0.79 -6.80
O06 6IM F . -18.33 -2.47 -10.11
O06 6IM F . -18.45 -2.47 -9.88
O06 6IM F . -18.43 -2.49 -9.82
O08 6IM F . -19.30 -4.61 -10.67
O08 6IM F . -19.19 -4.86 -10.43
O08 6IM F . -19.20 -4.79 -10.45
O10 6IM F . -20.31 -6.86 -10.14
O10 6IM F . -20.39 -7.06 -9.64
O10 6IM F . -20.42 -6.98 -9.80
O16 6IM F . -23.22 -7.45 -10.26
O16 6IM F . -23.26 -7.15 -9.97
O16 6IM F . -23.30 -7.20 -9.99
O27 6IM F . -24.46 -9.34 -8.16
O27 6IM F . -24.41 -9.43 -8.31
O27 6IM F . -24.39 -9.41 -8.23
O28 6IM F . -22.35 -8.51 -6.96
O28 6IM F . -22.32 -8.79 -6.89
O28 6IM F . -22.26 -8.74 -6.91
O30 6IM F . -20.53 -10.37 -6.83
O30 6IM F . -20.15 -10.18 -7.10
O30 6IM F . -20.14 -10.24 -7.03
O31 6IM F . -22.27 -10.17 -5.04
O31 6IM F . -22.03 -11.10 -5.80
O31 6IM F . -22.07 -11.00 -5.71
O32 6IM F . -20.54 -8.43 -5.31
O32 6IM F . -20.73 -9.20 -4.90
O32 6IM F . -20.70 -9.13 -4.91
O33 6IM F . -21.14 -5.50 -12.21
O33 6IM F . -21.29 -5.70 -11.70
O33 6IM F . -21.21 -5.53 -11.87
O34 6IM F . -18.83 -6.53 -12.26
O34 6IM F . -19.11 -6.92 -11.83
O34 6IM F . -19.03 -6.77 -11.91
O35 6IM F . -20.90 -2.61 -10.35
O35 6IM F . -20.97 -3.02 -9.98
O35 6IM F . -20.98 -2.93 -9.90
O36 6IM F . -19.40 -2.74 -12.49
O36 6IM F . -19.56 -2.87 -12.08
O36 6IM F . -19.55 -2.68 -11.97
O49 6IM F . -21.70 -0.38 -0.08
O49 6IM F . -11.13 2.15 -4.67
O49 6IM F . -11.38 2.44 -4.77
O50 6IM F . -18.70 1.75 -3.23
O50 6IM F . -16.20 1.30 -3.17
O50 6IM F . -15.57 1.57 -5.24
O51 6IM F . -17.68 1.65 -8.30
O51 6IM F . -17.51 1.59 -8.32
O51 6IM F . -17.54 1.61 -8.33
P07 6IM F . -19.58 -3.05 -11.01
P07 6IM F . -19.64 -3.30 -10.62
P07 6IM F . -19.66 -3.24 -10.57
P09 6IM F . -19.90 -5.91 -11.42
P09 6IM F . -20.05 -6.15 -10.95
P09 6IM F . -20.03 -6.04 -11.07
P29 6IM F . -21.39 -9.43 -6.02
P29 6IM F . -21.28 -9.84 -6.17
P29 6IM F . -21.27 -9.80 -6.14
H021 6IM F . -19.16 -0.41 -8.68
H021 6IM F . -18.87 -0.44 -8.98
H021 6IM F . -18.99 -0.50 -8.76
H043 6IM F . -17.99 -2.33 -6.06
H043 6IM F . -17.95 -2.45 -6.08
H043 6IM F . -17.82 -2.32 -6.01
H041 6IM F . -16.60 -2.79 -6.66
H041 6IM F . -16.40 -2.33 -6.39
H041 6IM F . -16.32 -2.47 -6.50
H042 6IM F . -16.77 -1.31 -6.14
H042 6IM F . -17.22 -1.05 -5.93
H042 6IM F . -16.86 -1.06 -6.00
H052 6IM F . -17.85 -3.60 -8.57
H052 6IM F . -17.41 -3.50 -8.57
H052 6IM F . -17.48 -3.54 -8.47
H051 6IM F . -19.26 -2.89 -8.42
H051 6IM F . -18.88 -3.15 -8.10
H051 6IM F . -18.93 -3.07 -8.03
H112 6IM F . -20.65 -6.41 -8.29
H112 6IM F . -20.72 -6.48 -7.80
H112 6IM F . -20.68 -6.43 -7.95
H111 6IM F . -21.45 -5.52 -9.32
H111 6IM F . -21.39 -5.55 -8.91
H111 6IM F . -21.43 -5.52 -9.01
H121 6IM F . -22.90 -6.83 -8.17
H121 6IM F . -23.00 -6.95 -7.83
H121 6IM F . -22.94 -6.94 -7.85
H131 6IM F . -21.35 -8.81 -8.78
H131 6IM F . -21.35 -8.79 -8.72
H131 6IM F . -21.34 -8.81 -8.77
H141 6IM F . -23.04 -10.24 -9.14
H141 6IM F . -22.98 -10.10 -9.45
H141 6IM F . -23.00 -10.15 -9.37
H151 6IM F . -24.74 -8.52 -10.34
H151 6IM F . -24.69 -8.31 -10.34
H151 6IM F . -24.73 -8.41 -10.29
H181 6IM F . -22.08 -7.99 -12.32
H181 6IM F . -21.21 -9.03 -11.14
H181 6IM F . -21.28 -9.10 -11.16
H231 6IM F . -25.11 -13.36 -11.69
H231 6IM F . -26.31 -8.58 -14.63
H231 6IM F . -26.43 -8.69 -14.60
H371 6IM F . -15.93 -0.57 -8.21
H371 6IM F . -15.83 -0.47 -8.04
H371 6IM F . -15.82 -0.44 -8.18
H372 6IM F . -16.74 -0.72 -9.56
H372 6IM F . -16.55 -0.65 -9.44
H372 6IM F . -16.66 -0.63 -9.51
H373 6IM F . -15.93 -1.96 -8.99
H373 6IM F . -15.75 -1.86 -8.80
H373 6IM F . -15.79 -1.83 -8.95
H401 6IM F . -16.49 2.16 -5.02
H401 6IM F . -17.58 3.12 -6.51
H401 6IM F . -17.52 3.15 -6.54
H402 6IM F . -16.83 2.82 -6.42
H402 6IM F . -19.00 3.32 -5.84
H402 6IM F . -18.93 3.36 -5.84
H411 6IM F . -18.78 3.63 -5.69
H411 6IM F . -18.29 2.49 -3.85
H411 6IM F . -18.12 2.50 -3.86
H412 6IM F . -17.75 3.97 -4.55
H412 6IM F . -17.22 3.56 -4.30
H412 6IM F . -17.23 3.72 -4.29
H442 6IM F . -22.34 2.31 -3.80
H442 6IM F . -14.26 -0.09 -6.02
H442 6IM F . -14.54 0.14 -3.40
H441 6IM F . -21.94 3.37 -2.69
H441 6IM F . -14.95 -0.54 -4.66
H441 6IM F . -14.63 0.45 -1.84
H452 6IM F . -21.05 0.70 -2.70
H452 6IM F . -13.81 1.00 -3.46
H452 6IM F . -13.18 2.15 -1.98
H451 6IM F . -20.70 1.76 -1.58
H451 6IM F . -13.41 1.82 -4.75
H451 6IM F . -13.52 2.43 -3.49
H483 6IM F . -24.72 -0.08 -0.49
H483 6IM F . -9.82 -0.63 -4.94
H483 6IM F . -9.78 0.04 -3.85
H481 6IM F . -24.03 -0.90 0.66
H481 6IM F . -9.15 0.74 -5.33
H481 6IM F . -10.34 -0.08 -5.33
H482 6IM F . -24.24 0.67 0.81
H482 6IM F . -9.28 0.33 -3.81
H482 6IM F . -9.35 1.10 -4.95
H262 6IM F . -22.65 -12.21 -15.66
H262 6IM F . -21.97 -9.18 -16.57
H262 6IM F . -21.99 -9.27 -16.49
H261 6IM F . -21.52 -12.76 -14.85
H261 6IM F . -22.15 -10.60 -16.17
H261 6IM F . -22.31 -10.70 -16.20
H391 6IM F . -18.12 0.55 -5.48
H391 6IM F . -19.12 0.93 -5.81
H391 6IM F . -18.97 0.97 -5.72
H431 6IM F . -20.68 3.66 -4.61
H431 6IM F . -15.87 1.44 -6.20
H431 6IM F . -16.23 1.94 -2.29
H461 6IM F . -23.34 1.59 -1.78
H461 6IM F . -12.26 -0.65 -4.38
H461 6IM F . -12.09 0.17 -2.87
H011 6IM F . -19.84 -1.53 -6.78
H011 6IM F . -19.93 -1.63 -7.26
H011 6IM F . -19.86 -1.54 -6.92
H271 6IM F . -24.79 -8.56 -8.13
H271 6IM F . -24.72 -8.68 -8.07
H271 6IM F . -24.72 -8.64 -8.06
#